data_4XUR
#
_entry.id   4XUR
#
_cell.length_a   92.769
_cell.length_b   92.769
_cell.length_c   48.571
_cell.angle_alpha   90.00
_cell.angle_beta   90.00
_cell.angle_gamma   120.00
#
_symmetry.space_group_name_H-M   'P 32'
#
loop_
_entity.id
_entity.type
_entity.pdbx_description
1 polymer 'Endo-1,4-beta-xylanase C'
2 branched beta-D-xylopyranose-(1-4)-beta-D-xylopyranose-(1-4)-beta-D-xylopyranose-(1-4)-beta-D-xylopyranose
3 branched beta-D-xylopyranose-(1-4)-beta-D-xylopyranose
4 branched beta-D-xylopyranose-(1-4)-beta-D-xylopyranose-(1-4)-beta-D-xylopyranose
5 non-polymer 'CALCIUM ION'
6 non-polymer beta-D-xylopyranose
7 water water
#
_entity_poly.entity_id   1
_entity_poly.type   'polypeptide(L)'
_entity_poly.pdbx_seq_one_letter_code
;APENPGEPGEAGQALFKADFEDGNIGNWRARGTEKLEVVSGIGHNSNRSLKTSSRSETYHGPLVEVLPYLQKGSTVHISF
WAMYDEGPATQVINGSLEKEFNRDTANLEYAMFASTTLNKGQWKKIEADIIVPAESTGISGLRMYAETPWKQSSEVTETD
TIPFYVDDVQITATEAIAIEK
;
_entity_poly.pdbx_strand_id   A,B,C
#
# COMPACT_ATOMS: atom_id res chain seq x y z
N ALA A 14 -5.60 26.05 -1.88
CA ALA A 14 -5.50 25.33 -3.22
C ALA A 14 -4.38 25.83 -4.16
N LEU A 15 -3.14 25.33 -3.98
CA LEU A 15 -1.96 25.83 -4.72
C LEU A 15 -1.66 25.04 -6.00
N PHE A 16 -2.07 23.76 -5.98
CA PHE A 16 -1.79 22.85 -7.06
C PHE A 16 -2.84 21.76 -6.92
N LYS A 17 -3.41 21.34 -8.08
CA LYS A 17 -4.41 20.25 -8.10
C LYS A 17 -4.23 19.43 -9.40
N ALA A 18 -4.24 18.08 -9.30
CA ALA A 18 -4.29 17.24 -10.43
C ALA A 18 -5.31 16.09 -10.31
N ASP A 19 -6.33 16.14 -11.17
CA ASP A 19 -7.37 15.12 -11.14
C ASP A 19 -7.39 14.30 -12.43
N PHE A 20 -6.55 14.71 -13.41
CA PHE A 20 -6.38 14.00 -14.67
C PHE A 20 -7.62 13.81 -15.53
N GLU A 21 -8.65 14.57 -15.25
CA GLU A 21 -9.95 14.34 -15.91
C GLU A 21 -9.96 14.90 -17.31
N ASP A 22 -9.09 15.88 -17.58
CA ASP A 22 -8.84 16.38 -18.92
C ASP A 22 -8.01 15.45 -19.81
N GLY A 23 -7.45 14.37 -19.28
CA GLY A 23 -6.65 13.43 -20.04
C GLY A 23 -5.21 13.78 -20.26
N ASN A 24 -4.77 14.87 -19.61
CA ASN A 24 -3.45 15.43 -19.95
C ASN A 24 -2.41 14.97 -18.98
N ILE A 25 -1.26 14.53 -19.51
CA ILE A 25 -0.12 14.22 -18.63
C ILE A 25 0.45 15.42 -17.94
N GLY A 26 0.33 16.61 -18.56
CA GLY A 26 0.91 17.81 -17.96
C GLY A 26 2.42 17.72 -17.88
N ASN A 27 2.98 18.15 -16.75
CA ASN A 27 4.40 18.02 -16.49
C ASN A 27 4.79 16.81 -15.69
N TRP A 28 3.88 15.84 -15.56
CA TRP A 28 4.21 14.63 -14.85
C TRP A 28 5.25 13.82 -15.69
N ARG A 29 6.24 13.25 -15.04
CA ARG A 29 7.35 12.52 -15.72
C ARG A 29 7.75 11.25 -14.94
N ALA A 30 8.39 10.34 -15.68
CA ALA A 30 9.07 9.19 -15.07
C ALA A 30 10.41 9.61 -14.41
N ARG A 31 10.96 8.74 -13.55
CA ARG A 31 12.23 8.96 -12.90
C ARG A 31 13.38 8.13 -13.52
N GLY A 32 13.01 7.10 -14.26
CA GLY A 32 13.97 6.25 -15.01
C GLY A 32 13.35 5.77 -16.29
N THR A 33 13.27 4.43 -16.43
CA THR A 33 12.78 3.80 -17.65
C THR A 33 11.33 3.40 -17.62
N GLU A 34 10.62 3.76 -16.55
CA GLU A 34 9.20 3.41 -16.42
C GLU A 34 8.27 4.25 -17.36
N LYS A 35 7.06 3.79 -17.44
CA LYS A 35 6.06 4.38 -18.40
C LYS A 35 4.91 4.97 -17.61
N LEU A 36 4.60 6.23 -17.95
CA LEU A 36 3.44 6.95 -17.41
C LEU A 36 2.38 7.18 -18.46
N GLU A 37 1.12 7.01 -18.05
CA GLU A 37 -0.03 7.12 -18.99
C GLU A 37 -1.29 7.50 -18.25
N VAL A 38 -1.98 8.53 -18.73
CA VAL A 38 -3.30 8.85 -18.18
C VAL A 38 -4.33 7.88 -18.77
N VAL A 39 -4.92 7.06 -17.92
CA VAL A 39 -5.83 6.00 -18.38
C VAL A 39 -7.26 6.44 -18.08
N SER A 40 -8.21 5.87 -18.82
CA SER A 40 -9.59 6.10 -18.45
C SER A 40 -10.29 4.78 -18.05
N GLY A 41 -11.31 4.90 -17.23
CA GLY A 41 -12.00 3.77 -16.64
C GLY A 41 -11.44 3.29 -15.34
N ILE A 42 -10.38 3.98 -14.86
CA ILE A 42 -9.78 3.69 -13.55
C ILE A 42 -9.47 5.07 -12.94
N GLY A 43 -10.02 5.31 -11.74
CA GLY A 43 -9.95 6.60 -11.11
C GLY A 43 -10.42 6.59 -9.66
N HIS A 44 -10.01 7.60 -8.87
CA HIS A 44 -10.55 7.76 -7.53
C HIS A 44 -11.85 8.55 -7.60
N ASN A 45 -12.96 7.83 -7.46
CA ASN A 45 -14.29 8.43 -7.63
C ASN A 45 -14.39 9.24 -8.95
N SER A 46 -13.81 8.70 -10.01
CA SER A 46 -13.73 9.38 -11.31
C SER A 46 -13.29 8.42 -12.35
N ASN A 47 -13.16 8.92 -13.57
CA ASN A 47 -12.86 8.11 -14.72
C ASN A 47 -11.42 8.07 -15.16
N ARG A 48 -10.59 8.99 -14.66
CA ARG A 48 -9.22 9.06 -15.12
C ARG A 48 -8.22 9.22 -13.97
N SER A 49 -7.03 8.67 -14.21
CA SER A 49 -5.96 8.71 -13.17
C SER A 49 -4.65 8.45 -13.85
N LEU A 50 -3.54 8.50 -13.08
CA LEU A 50 -2.23 8.37 -13.67
C LEU A 50 -1.65 7.05 -13.29
N LYS A 51 -1.49 6.15 -14.30
CA LYS A 51 -0.91 4.86 -14.11
C LYS A 51 0.56 4.87 -14.38
N THR A 52 1.34 4.34 -13.45
CA THR A 52 2.77 4.11 -13.69
C THR A 52 2.97 2.59 -13.77
N SER A 53 3.69 2.17 -14.81
CA SER A 53 3.93 0.74 -15.09
C SER A 53 5.30 0.58 -15.67
N SER A 54 5.69 -0.67 -15.97
CA SER A 54 7.04 -0.95 -16.47
C SER A 54 8.09 -0.47 -15.46
N ARG A 55 7.78 -0.60 -14.17
CA ARG A 55 8.71 -0.24 -13.11
C ARG A 55 9.72 -1.38 -12.93
N SER A 56 10.99 -1.03 -12.86
CA SER A 56 12.05 -2.06 -12.62
C SER A 56 13.01 -1.55 -11.52
N GLU A 57 12.57 -0.55 -10.77
CA GLU A 57 13.23 -0.15 -9.56
C GLU A 57 12.16 0.34 -8.55
N THR A 58 12.50 0.30 -7.26
CA THR A 58 11.55 0.74 -6.22
C THR A 58 11.31 2.22 -6.44
N TYR A 59 12.35 2.90 -6.93
CA TYR A 59 12.30 4.36 -7.10
C TYR A 59 11.61 4.87 -8.39
N HIS A 60 11.21 3.98 -9.27
CA HIS A 60 10.35 4.34 -10.39
C HIS A 60 8.96 4.71 -9.89
N GLY A 61 8.44 5.81 -10.41
CA GLY A 61 7.16 6.35 -9.98
C GLY A 61 6.87 7.68 -10.61
N PRO A 62 5.61 8.16 -10.50
CA PRO A 62 5.26 9.42 -11.18
C PRO A 62 5.77 10.64 -10.39
N LEU A 63 6.37 11.57 -11.07
CA LEU A 63 6.95 12.76 -10.41
C LEU A 63 6.46 14.01 -11.13
N VAL A 64 6.31 15.09 -10.36
CA VAL A 64 6.08 16.44 -10.90
C VAL A 64 6.81 17.54 -10.10
N GLU A 65 7.40 18.46 -10.84
CA GLU A 65 8.06 19.66 -10.29
C GLU A 65 6.96 20.55 -9.67
N VAL A 66 7.11 20.90 -8.41
CA VAL A 66 6.10 21.79 -7.78
C VAL A 66 6.64 23.11 -7.16
N LEU A 67 7.93 23.29 -7.13
CA LEU A 67 8.55 24.52 -6.56
C LEU A 67 7.86 25.81 -7.11
N PRO A 68 7.64 25.90 -8.44
CA PRO A 68 7.03 27.14 -8.96
C PRO A 68 5.68 27.52 -8.42
N TYR A 69 4.92 26.54 -7.88
CA TYR A 69 3.61 26.77 -7.29
C TYR A 69 3.70 27.35 -5.86
N LEU A 70 4.85 27.27 -5.26
CA LEU A 70 5.00 27.47 -3.80
C LEU A 70 5.90 28.66 -3.45
N GLN A 71 5.74 29.13 -2.25
CA GLN A 71 6.63 30.15 -1.69
C GLN A 71 7.73 29.45 -0.90
N LYS A 72 8.96 29.73 -1.26
CA LYS A 72 10.10 29.25 -0.47
C LYS A 72 10.00 29.77 0.98
N GLY A 73 10.31 28.90 1.95
CA GLY A 73 10.27 29.23 3.35
C GLY A 73 8.92 29.02 3.99
N SER A 74 7.95 28.47 3.26
CA SER A 74 6.61 28.24 3.77
C SER A 74 6.42 26.79 4.14
N THR A 75 5.29 26.49 4.83
CA THR A 75 4.85 25.13 5.07
C THR A 75 3.52 24.93 4.27
N VAL A 76 3.42 23.83 3.56
CA VAL A 76 2.30 23.52 2.75
C VAL A 76 1.81 22.09 3.10
N HIS A 77 0.56 21.78 2.72
CA HIS A 77 0.03 20.44 2.92
C HIS A 77 -0.10 19.73 1.59
N ILE A 78 0.53 18.56 1.47
CA ILE A 78 0.42 17.76 0.25
C ILE A 78 -0.36 16.50 0.51
N SER A 79 -1.23 16.20 -0.41
CA SER A 79 -1.98 14.90 -0.40
C SER A 79 -2.19 14.33 -1.78
N PHE A 80 -2.44 13.01 -1.81
CA PHE A 80 -2.82 12.30 -3.05
C PHE A 80 -3.40 10.96 -2.71
N TRP A 81 -4.12 10.37 -3.68
CA TRP A 81 -4.71 9.03 -3.55
C TRP A 81 -4.00 8.09 -4.42
N ALA A 82 -3.79 6.86 -3.93
CA ALA A 82 -3.04 5.85 -4.68
C ALA A 82 -3.76 4.54 -4.60
N MET A 83 -3.57 3.72 -5.63
CA MET A 83 -4.17 2.35 -5.74
C MET A 83 -3.29 1.44 -6.58
N TYR A 84 -3.31 0.12 -6.24
CA TYR A 84 -2.70 -0.91 -7.07
C TYR A 84 -3.71 -2.09 -7.16
N ASP A 85 -3.70 -2.77 -8.31
CA ASP A 85 -4.63 -3.92 -8.50
C ASP A 85 -3.96 -5.18 -9.14
N GLU A 86 -2.70 -5.44 -8.82
CA GLU A 86 -2.07 -6.74 -9.07
C GLU A 86 -0.94 -7.04 -8.09
N GLY A 87 -0.69 -8.32 -7.86
CA GLY A 87 0.43 -8.72 -7.03
C GLY A 87 0.04 -9.04 -5.57
N PRO A 88 0.79 -8.52 -4.57
CA PRO A 88 0.60 -8.93 -3.22
C PRO A 88 -0.73 -8.44 -2.67
N ALA A 89 -1.06 -8.91 -1.48
CA ALA A 89 -2.32 -8.60 -0.80
C ALA A 89 -2.31 -7.20 -0.18
N THR A 90 -1.13 -6.79 0.31
CA THR A 90 -0.89 -5.43 0.75
C THR A 90 0.47 -4.91 0.23
N GLN A 91 0.61 -3.56 0.13
CA GLN A 91 1.91 -3.01 -0.22
C GLN A 91 1.97 -1.52 0.30
N VAL A 92 3.14 -1.14 0.76
CA VAL A 92 3.39 0.25 1.21
C VAL A 92 3.63 1.11 -0.03
N ILE A 93 3.06 2.29 -0.04
CA ILE A 93 3.46 3.31 -1.07
C ILE A 93 3.91 4.55 -0.31
N ASN A 94 4.96 5.20 -0.81
CA ASN A 94 5.54 6.34 -0.12
C ASN A 94 5.27 7.56 -0.96
N GLY A 95 5.00 8.69 -0.30
CA GLY A 95 5.13 10.00 -0.98
C GLY A 95 6.50 10.59 -0.64
N SER A 96 7.21 11.07 -1.66
CA SER A 96 8.57 11.60 -1.50
C SER A 96 8.80 12.91 -2.24
N LEU A 97 9.87 13.60 -1.85
CA LEU A 97 10.31 14.79 -2.45
C LEU A 97 11.66 14.57 -3.06
N GLU A 98 11.85 15.06 -4.29
CA GLU A 98 13.23 15.19 -4.87
C GLU A 98 13.64 16.62 -4.89
N LYS A 99 14.79 16.96 -4.29
CA LYS A 99 15.24 18.36 -4.16
C LYS A 99 16.56 18.62 -4.88
N GLU A 100 16.60 19.72 -5.60
CA GLU A 100 17.76 20.20 -6.35
C GLU A 100 18.16 21.58 -5.75
N PHE A 101 19.47 21.77 -5.52
CA PHE A 101 20.02 22.97 -4.98
C PHE A 101 21.08 23.51 -5.97
N ASN A 102 21.04 24.81 -6.16
CA ASN A 102 22.04 25.51 -6.99
C ASN A 102 22.10 24.99 -8.38
N ARG A 103 20.97 24.47 -8.89
CA ARG A 103 20.94 23.92 -10.24
C ARG A 103 22.00 22.84 -10.49
N ASP A 104 22.34 22.10 -9.45
CA ASP A 104 23.32 21.03 -9.56
C ASP A 104 22.55 19.72 -9.64
N THR A 105 22.43 19.21 -10.86
CA THR A 105 21.66 18.04 -11.13
C THR A 105 22.37 16.79 -10.73
N ALA A 106 23.65 16.91 -10.42
CA ALA A 106 24.42 15.74 -10.04
C ALA A 106 24.34 15.42 -8.55
N ASN A 107 23.69 16.28 -7.75
CA ASN A 107 23.80 16.15 -6.31
C ASN A 107 22.37 16.37 -5.70
N LEU A 108 21.45 15.57 -6.18
CA LEU A 108 20.06 15.60 -5.77
C LEU A 108 19.85 14.94 -4.42
N GLU A 109 18.83 15.42 -3.69
CA GLU A 109 18.40 14.92 -2.41
C GLU A 109 17.00 14.34 -2.47
N TYR A 110 16.70 13.40 -1.58
CA TYR A 110 15.38 12.74 -1.52
C TYR A 110 14.95 12.60 -0.08
N ALA A 111 13.67 12.77 0.15
CA ALA A 111 13.05 12.62 1.49
C ALA A 111 11.64 12.10 1.33
N MET A 112 11.30 11.08 2.15
CA MET A 112 9.91 10.64 2.30
C MET A 112 9.17 11.56 3.27
N PHE A 113 8.05 12.07 2.83
CA PHE A 113 7.18 12.85 3.64
C PHE A 113 5.96 12.07 4.17
N ALA A 114 5.62 10.95 3.58
CA ALA A 114 4.53 10.15 4.06
C ALA A 114 4.53 8.75 3.44
N SER A 115 3.82 7.84 4.12
CA SER A 115 3.75 6.41 3.79
C SER A 115 2.48 5.84 4.33
N THR A 116 1.78 5.00 3.53
CA THR A 116 0.62 4.25 4.00
C THR A 116 0.66 2.84 3.40
N THR A 117 0.01 1.89 4.10
CA THR A 117 -0.13 0.52 3.59
C THR A 117 -1.49 0.40 2.83
N LEU A 118 -1.42 0.03 1.57
CA LEU A 118 -2.62 -0.08 0.74
C LEU A 118 -3.00 -1.56 0.65
N ASN A 119 -4.26 -1.81 0.65
CA ASN A 119 -4.82 -3.15 0.31
C ASN A 119 -5.05 -3.22 -1.18
N LYS A 120 -4.68 -4.36 -1.79
CA LYS A 120 -4.92 -4.62 -3.23
C LYS A 120 -6.32 -4.14 -3.63
N GLY A 121 -6.38 -3.27 -4.63
CA GLY A 121 -7.64 -2.76 -5.18
C GLY A 121 -8.37 -1.59 -4.53
N GLN A 122 -7.96 -1.16 -3.33
CA GLN A 122 -8.59 -0.06 -2.68
C GLN A 122 -7.76 1.26 -2.70
N TRP A 123 -8.44 2.34 -3.04
CA TRP A 123 -7.90 3.72 -3.00
C TRP A 123 -7.70 4.23 -1.60
N LYS A 124 -6.50 4.83 -1.35
CA LYS A 124 -6.24 5.41 -0.05
C LYS A 124 -5.40 6.67 -0.19
N LYS A 125 -5.60 7.57 0.75
CA LYS A 125 -4.93 8.89 0.75
C LYS A 125 -3.55 8.81 1.43
N ILE A 126 -2.56 9.47 0.83
CA ILE A 126 -1.25 9.72 1.44
C ILE A 126 -1.13 11.24 1.66
N GLU A 127 -0.84 11.68 2.87
CA GLU A 127 -0.77 13.12 3.12
C GLU A 127 0.23 13.49 4.21
N ALA A 128 0.80 14.70 4.09
CA ALA A 128 1.60 15.30 5.16
C ALA A 128 1.77 16.80 4.93
N ASP A 129 2.11 17.51 5.99
CA ASP A 129 2.74 18.87 5.82
C ASP A 129 4.17 18.67 5.34
N ILE A 130 4.61 19.53 4.43
CA ILE A 130 6.07 19.62 4.13
C ILE A 130 6.54 21.08 4.22
N ILE A 131 7.86 21.21 4.43
CA ILE A 131 8.51 22.50 4.49
C ILE A 131 9.15 22.71 3.09
N VAL A 132 8.96 23.91 2.56
CA VAL A 132 9.64 24.35 1.36
C VAL A 132 10.87 25.09 1.87
N PRO A 133 12.07 24.63 1.54
CA PRO A 133 13.29 25.35 2.03
C PRO A 133 13.36 26.82 1.58
N ALA A 134 14.06 27.66 2.37
CA ALA A 134 14.08 29.13 2.12
C ALA A 134 15.01 29.44 0.94
N GLU A 135 14.84 30.66 0.38
CA GLU A 135 15.63 31.12 -0.77
C GLU A 135 17.11 30.97 -0.57
N SER A 136 17.53 31.37 0.62
CA SER A 136 18.95 31.40 0.95
C SER A 136 19.57 30.00 0.92
N THR A 137 18.76 28.93 0.85
CA THR A 137 19.34 27.59 0.68
C THR A 137 19.87 27.35 -0.73
N GLY A 138 19.44 28.17 -1.69
CA GLY A 138 19.75 27.94 -3.09
C GLY A 138 18.87 26.87 -3.76
N ILE A 139 17.79 26.45 -3.08
CA ILE A 139 16.86 25.52 -3.64
C ILE A 139 16.41 25.96 -5.02
N SER A 140 16.43 25.02 -6.00
CA SER A 140 16.08 25.29 -7.38
C SER A 140 15.12 24.28 -8.03
N GLY A 141 14.86 23.20 -7.36
CA GLY A 141 13.78 22.20 -7.69
C GLY A 141 13.25 21.46 -6.50
N LEU A 142 11.94 21.25 -6.46
CA LEU A 142 11.31 20.48 -5.43
C LEU A 142 10.14 19.73 -6.08
N ARG A 143 10.28 18.43 -6.22
CA ARG A 143 9.34 17.64 -7.01
C ARG A 143 8.75 16.60 -6.14
N MET A 144 7.44 16.52 -6.16
CA MET A 144 6.77 15.45 -5.42
C MET A 144 6.72 14.19 -6.26
N TYR A 145 6.82 13.01 -5.63
CA TYR A 145 6.68 11.78 -6.37
C TYR A 145 6.18 10.65 -5.50
N ALA A 146 5.69 9.59 -6.14
CA ALA A 146 5.31 8.38 -5.41
C ALA A 146 6.21 7.24 -5.78
N GLU A 147 6.41 6.33 -4.82
CA GLU A 147 7.30 5.19 -5.02
C GLU A 147 6.98 4.10 -3.99
N THR A 148 7.66 2.97 -4.10
CA THR A 148 7.63 1.93 -3.03
C THR A 148 8.92 2.04 -2.17
N PRO A 149 8.88 1.39 -1.01
CA PRO A 149 10.07 1.60 -0.10
C PRO A 149 11.40 1.22 -0.71
N TRP A 150 12.41 2.04 -0.45
CA TRP A 150 13.73 1.97 -1.03
C TRP A 150 14.62 0.78 -0.61
N LYS A 151 15.48 0.18 -1.44
CA LYS A 151 15.19 -0.41 -2.77
C LYS A 151 15.56 -1.96 -2.80
N GLN A 152 16.79 -2.46 -2.99
CA GLN A 152 18.04 -1.89 -3.46
C GLN A 152 18.24 -2.75 -4.73
N SER A 153 18.72 -2.16 -5.84
CA SER A 153 18.73 -2.81 -7.22
C SER A 153 19.14 -4.25 -7.11
N SER A 154 20.24 -4.46 -6.40
CA SER A 154 20.66 -5.82 -6.03
C SER A 154 19.51 -6.71 -5.52
N GLU A 155 18.66 -6.17 -4.66
CA GLU A 155 17.60 -6.89 -3.94
C GLU A 155 16.14 -6.62 -4.45
N VAL A 156 15.96 -5.80 -5.49
CA VAL A 156 14.57 -5.42 -5.92
C VAL A 156 13.82 -6.67 -6.35
N THR A 157 12.55 -6.74 -6.03
CA THR A 157 11.71 -7.92 -6.36
C THR A 157 10.49 -7.53 -7.22
N GLU A 158 9.75 -8.52 -7.63
CA GLU A 158 8.44 -8.32 -8.26
C GLU A 158 7.44 -7.51 -7.48
N THR A 159 7.26 -7.83 -6.21
CA THR A 159 6.26 -7.21 -5.36
C THR A 159 6.58 -5.72 -5.17
N ASP A 160 7.87 -5.41 -5.15
CA ASP A 160 8.34 -4.02 -5.07
C ASP A 160 8.01 -3.17 -6.27
N THR A 161 7.89 -3.78 -7.46
CA THR A 161 7.85 -3.03 -8.71
C THR A 161 6.52 -3.11 -9.41
N ILE A 162 5.47 -3.44 -8.66
CA ILE A 162 4.17 -3.49 -9.22
C ILE A 162 3.71 -2.15 -9.78
N PRO A 163 2.90 -2.16 -10.86
CA PRO A 163 2.31 -0.91 -11.35
C PRO A 163 1.31 -0.35 -10.37
N PHE A 164 1.07 0.97 -10.40
CA PHE A 164 0.11 1.59 -9.51
C PHE A 164 -0.40 2.93 -10.08
N TYR A 165 -1.52 3.35 -9.53
CA TYR A 165 -2.27 4.54 -9.94
C TYR A 165 -2.17 5.61 -8.88
N VAL A 166 -2.09 6.87 -9.32
CA VAL A 166 -2.34 7.99 -8.42
C VAL A 166 -3.40 8.94 -8.98
N ASP A 167 -4.10 9.64 -8.11
CA ASP A 167 -5.18 10.56 -8.48
C ASP A 167 -5.39 11.62 -7.40
N ASP A 168 -6.08 12.71 -7.76
CA ASP A 168 -6.53 13.74 -6.81
C ASP A 168 -5.35 14.29 -5.95
N VAL A 169 -4.29 14.67 -6.61
CA VAL A 169 -3.10 15.25 -5.99
C VAL A 169 -3.44 16.72 -5.70
N GLN A 170 -3.21 17.14 -4.47
CA GLN A 170 -3.52 18.48 -4.08
C GLN A 170 -2.44 19.01 -3.16
N ILE A 171 -2.09 20.30 -3.33
CA ILE A 171 -1.27 20.99 -2.35
C ILE A 171 -2.01 22.26 -1.85
N THR A 172 -2.00 22.51 -0.56
CA THR A 172 -2.74 23.59 -0.02
C THR A 172 -1.91 24.36 0.97
N ALA A 173 -2.27 25.64 1.09
CA ALA A 173 -1.69 26.53 2.09
C ALA A 173 -2.08 26.20 3.50
N THR A 174 -1.26 26.62 4.44
CA THR A 174 -1.42 26.37 5.87
C THR A 174 -1.27 27.67 6.67
N ALA B 14 -11.07 8.33 39.99
CA ALA B 14 -10.22 7.51 39.00
C ALA B 14 -10.87 6.17 38.49
N LEU B 15 -11.92 6.23 37.68
CA LEU B 15 -12.72 5.04 37.28
C LEU B 15 -12.27 4.41 35.98
N PHE B 16 -11.76 5.21 35.05
CA PHE B 16 -11.16 4.75 33.82
C PHE B 16 -9.98 5.65 33.53
N LYS B 17 -8.87 5.10 33.11
CA LYS B 17 -7.70 5.88 32.70
C LYS B 17 -7.04 5.25 31.50
N ALA B 18 -6.78 6.04 30.43
CA ALA B 18 -5.94 5.60 29.32
C ALA B 18 -4.82 6.59 29.04
N ASP B 19 -3.58 6.19 29.32
CA ASP B 19 -2.47 7.10 29.06
C ASP B 19 -1.52 6.55 27.98
N PHE B 20 -1.82 5.30 27.53
CA PHE B 20 -1.12 4.65 26.45
C PHE B 20 0.41 4.40 26.66
N GLU B 21 0.87 4.54 27.88
CA GLU B 21 2.32 4.43 28.14
C GLU B 21 2.83 2.98 28.05
N ASP B 22 1.93 2.00 28.12
CA ASP B 22 2.26 0.60 27.82
C ASP B 22 2.23 0.24 26.33
N GLY B 23 1.90 1.20 25.49
CA GLY B 23 1.92 1.01 24.06
C GLY B 23 0.76 0.18 23.53
N ASN B 24 -0.27 -0.04 24.36
CA ASN B 24 -1.37 -0.95 23.99
C ASN B 24 -2.63 -0.21 23.52
N ILE B 25 -3.22 -0.71 22.46
CA ILE B 25 -4.48 -0.18 21.88
C ILE B 25 -5.69 -0.50 22.77
N GLY B 26 -5.57 -1.55 23.57
CA GLY B 26 -6.68 -2.06 24.44
C GLY B 26 -7.94 -2.25 23.62
N ASN B 27 -9.04 -1.73 24.13
CA ASN B 27 -10.36 -1.81 23.42
C ASN B 27 -10.71 -0.61 22.54
N TRP B 28 -9.74 0.29 22.30
CA TRP B 28 -10.03 1.39 21.41
C TRP B 28 -10.27 0.94 19.98
N ARG B 29 -11.26 1.56 19.32
CA ARG B 29 -11.54 1.23 17.92
C ARG B 29 -11.92 2.40 17.04
N ALA B 30 -11.86 2.18 15.72
CA ALA B 30 -12.35 3.06 14.74
C ALA B 30 -13.91 2.99 14.64
N ARG B 31 -14.50 4.04 14.12
CA ARG B 31 -15.93 4.10 13.83
C ARG B 31 -16.27 3.73 12.40
N GLY B 32 -15.30 3.87 11.50
CA GLY B 32 -15.44 3.50 10.09
C GLY B 32 -14.16 2.84 9.55
N THR B 33 -13.63 3.36 8.45
CA THR B 33 -12.48 2.82 7.78
C THR B 33 -11.12 3.41 8.22
N GLU B 34 -11.11 4.25 9.26
CA GLU B 34 -9.91 5.00 9.68
C GLU B 34 -9.00 4.13 10.53
N LYS B 35 -7.79 4.62 10.81
CA LYS B 35 -6.75 3.82 11.35
C LYS B 35 -6.28 4.33 12.69
N LEU B 36 -6.31 3.46 13.70
CA LEU B 36 -5.83 3.78 15.06
C LEU B 36 -4.45 3.16 15.33
N GLU B 37 -3.55 3.93 15.93
CA GLU B 37 -2.20 3.46 16.23
C GLU B 37 -1.71 4.13 17.53
N VAL B 38 -1.21 3.35 18.45
CA VAL B 38 -0.48 3.90 19.61
C VAL B 38 0.95 4.26 19.14
N VAL B 39 1.24 5.55 19.12
CA VAL B 39 2.55 6.05 18.71
C VAL B 39 3.47 6.33 19.87
N SER B 40 4.81 6.29 19.59
CA SER B 40 5.78 6.64 20.62
C SER B 40 6.57 7.85 20.12
N GLY B 41 6.92 8.72 21.03
CA GLY B 41 7.57 10.00 20.74
C GLY B 41 6.62 11.17 20.62
N ILE B 42 5.32 10.91 20.82
CA ILE B 42 4.29 11.93 20.72
C ILE B 42 3.26 11.63 21.84
N GLY B 43 3.04 12.64 22.69
CA GLY B 43 2.15 12.47 23.84
C GLY B 43 2.02 13.71 24.68
N HIS B 44 1.03 13.73 25.56
CA HIS B 44 0.79 14.85 26.41
C HIS B 44 1.58 14.73 27.71
N ASN B 45 2.62 15.54 27.84
CA ASN B 45 3.54 15.39 28.95
C ASN B 45 3.96 13.97 29.16
N SER B 46 4.20 13.25 28.04
CA SER B 46 4.46 11.84 28.10
C SER B 46 4.97 11.34 26.73
N ASN B 47 5.33 10.05 26.66
CA ASN B 47 5.96 9.48 25.45
C ASN B 47 5.00 8.93 24.40
N ARG B 48 3.76 8.58 24.80
CA ARG B 48 2.90 7.85 23.91
C ARG B 48 1.46 8.39 23.95
N SER B 49 0.79 8.24 22.82
CA SER B 49 -0.60 8.66 22.67
C SER B 49 -1.25 7.85 21.52
N LEU B 50 -2.54 8.05 21.32
CA LEU B 50 -3.28 7.34 20.26
C LEU B 50 -3.55 8.26 19.07
N LYS B 51 -2.99 7.89 17.91
CA LYS B 51 -3.18 8.61 16.68
C LYS B 51 -4.26 8.04 15.81
N THR B 52 -5.15 8.89 15.29
CA THR B 52 -6.15 8.44 14.34
C THR B 52 -5.82 9.13 13.00
N SER B 53 -5.72 8.31 11.93
CA SER B 53 -5.39 8.84 10.61
C SER B 53 -6.22 8.07 9.56
N SER B 54 -5.98 8.41 8.27
CA SER B 54 -6.78 7.84 7.20
C SER B 54 -8.27 8.12 7.44
N ARG B 55 -8.56 9.27 8.07
CA ARG B 55 -9.95 9.70 8.23
C ARG B 55 -10.46 10.19 6.88
N SER B 56 -11.70 9.80 6.50
CA SER B 56 -12.33 10.25 5.31
C SER B 56 -13.81 10.76 5.48
N GLU B 57 -14.26 10.87 6.76
CA GLU B 57 -15.47 11.52 7.17
C GLU B 57 -15.21 12.27 8.48
N THR B 58 -16.01 13.31 8.79
CA THR B 58 -15.82 14.08 10.03
C THR B 58 -16.04 13.26 11.26
N TYR B 59 -16.92 12.28 11.17
CA TYR B 59 -17.23 11.44 12.34
C TYR B 59 -16.25 10.30 12.62
N HIS B 60 -15.24 10.10 11.76
CA HIS B 60 -14.15 9.17 12.01
C HIS B 60 -13.27 9.69 13.12
N GLY B 61 -12.89 8.81 14.06
CA GLY B 61 -12.24 9.21 15.25
C GLY B 61 -12.13 8.08 16.22
N PRO B 62 -11.28 8.23 17.25
CA PRO B 62 -11.05 7.15 18.20
C PRO B 62 -12.24 6.95 19.16
N LEU B 63 -12.63 5.70 19.41
CA LEU B 63 -13.76 5.39 20.27
C LEU B 63 -13.42 4.28 21.21
N VAL B 64 -13.93 4.41 22.44
CA VAL B 64 -13.81 3.31 23.43
C VAL B 64 -15.13 3.11 24.24
N GLU B 65 -15.50 1.83 24.44
CA GLU B 65 -16.67 1.48 25.30
C GLU B 65 -16.31 1.76 26.73
N VAL B 66 -17.16 2.52 27.42
CA VAL B 66 -16.92 2.81 28.85
C VAL B 66 -18.02 2.37 29.82
N LEU B 67 -19.13 1.95 29.32
CA LEU B 67 -20.21 1.56 30.20
C LEU B 67 -19.78 0.59 31.34
N PRO B 68 -18.97 -0.43 30.99
CA PRO B 68 -18.59 -1.43 32.04
C PRO B 68 -17.79 -0.91 33.17
N TYR B 69 -17.13 0.22 32.97
CA TYR B 69 -16.37 0.91 34.04
C TYR B 69 -17.22 1.66 35.02
N LEU B 70 -18.48 1.92 34.69
CA LEU B 70 -19.29 2.91 35.36
C LEU B 70 -20.54 2.33 36.01
N GLN B 71 -21.04 3.01 37.00
CA GLN B 71 -22.37 2.70 37.59
C GLN B 71 -23.50 3.41 36.86
N LYS B 72 -24.46 2.61 36.39
CA LYS B 72 -25.69 3.17 35.78
C LYS B 72 -26.42 4.09 36.72
N GLY B 73 -26.90 5.22 36.22
CA GLY B 73 -27.55 6.30 37.00
C GLY B 73 -26.62 7.41 37.41
N SER B 74 -25.32 7.15 37.47
CA SER B 74 -24.37 8.05 38.11
C SER B 74 -24.00 9.23 37.23
N THR B 75 -23.40 10.26 37.82
CA THR B 75 -22.80 11.38 37.09
C THR B 75 -21.31 11.23 37.22
N VAL B 76 -20.56 11.27 36.10
CA VAL B 76 -19.10 11.19 36.13
C VAL B 76 -18.45 12.33 35.32
N HIS B 77 -17.15 12.56 35.54
CA HIS B 77 -16.44 13.60 34.79
C HIS B 77 -15.47 12.93 33.80
N ILE B 78 -15.68 13.20 32.54
CA ILE B 78 -14.80 12.71 31.45
C ILE B 78 -13.92 13.85 30.97
N SER B 79 -12.66 13.52 30.76
CA SER B 79 -11.71 14.47 30.16
C SER B 79 -10.69 13.71 29.36
N PHE B 80 -10.18 14.37 28.31
CA PHE B 80 -9.09 13.85 27.49
C PHE B 80 -8.35 15.03 26.87
N TRP B 81 -7.11 14.75 26.48
CA TRP B 81 -6.28 15.77 25.87
C TRP B 81 -6.15 15.43 24.37
N ALA B 82 -6.24 16.45 23.52
CA ALA B 82 -6.14 16.27 22.09
C ALA B 82 -5.15 17.24 21.44
N MET B 83 -4.61 16.83 20.30
CA MET B 83 -3.66 17.67 19.51
C MET B 83 -3.67 17.21 18.10
N TYR B 84 -3.39 18.16 17.18
CA TYR B 84 -3.15 17.75 15.78
C TYR B 84 -1.97 18.64 15.37
N ASP B 85 -1.22 18.14 14.42
CA ASP B 85 0.04 18.79 13.98
C ASP B 85 0.16 18.98 12.47
N GLU B 86 -0.90 18.82 11.72
CA GLU B 86 -0.79 19.04 10.24
C GLU B 86 -2.04 19.67 9.62
N GLY B 87 -1.82 20.37 8.52
CA GLY B 87 -2.94 21.09 7.90
C GLY B 87 -3.19 22.50 8.40
N PRO B 88 -4.44 22.80 8.82
CA PRO B 88 -4.86 24.13 9.18
C PRO B 88 -4.24 24.69 10.47
N ALA B 89 -4.25 26.03 10.59
CA ALA B 89 -3.67 26.73 11.70
C ALA B 89 -4.48 26.44 12.99
N THR B 90 -5.80 26.28 12.83
CA THR B 90 -6.73 25.90 13.93
C THR B 90 -7.76 24.95 13.43
N GLN B 91 -8.34 24.18 14.37
CA GLN B 91 -9.36 23.19 14.03
C GLN B 91 -10.14 22.84 15.35
N VAL B 92 -11.44 22.61 15.17
CA VAL B 92 -12.32 22.24 16.31
C VAL B 92 -12.30 20.71 16.44
N ILE B 93 -12.17 20.22 17.67
CA ILE B 93 -12.34 18.81 18.01
C ILE B 93 -13.44 18.69 19.06
N ASN B 94 -14.34 17.74 18.83
CA ASN B 94 -15.50 17.54 19.73
C ASN B 94 -15.26 16.27 20.54
N GLY B 95 -15.77 16.26 21.73
CA GLY B 95 -15.89 15.04 22.52
C GLY B 95 -17.36 14.65 22.56
N SER B 96 -17.65 13.38 22.26
CA SER B 96 -19.01 12.90 22.12
C SER B 96 -19.20 11.54 22.78
N LEU B 97 -20.50 11.21 22.96
CA LEU B 97 -20.93 9.89 23.42
C LEU B 97 -21.78 9.24 22.40
N GLU B 98 -21.57 7.93 22.21
CA GLU B 98 -22.43 7.11 21.43
C GLU B 98 -23.14 6.13 22.39
N LYS B 99 -24.49 6.08 22.30
CA LYS B 99 -25.24 5.26 23.17
C LYS B 99 -26.11 4.24 22.47
N GLU B 100 -26.15 3.03 23.06
CA GLU B 100 -26.95 1.92 22.55
C GLU B 100 -27.89 1.43 23.70
N PHE B 101 -29.13 1.13 23.34
CA PHE B 101 -30.16 0.69 24.27
C PHE B 101 -30.80 -0.60 23.80
N ASN B 102 -30.95 -1.56 24.70
CA ASN B 102 -31.54 -2.88 24.32
C ASN B 102 -30.85 -3.58 23.21
N ARG B 103 -29.55 -3.35 23.07
CA ARG B 103 -28.69 -3.99 22.02
C ARG B 103 -29.24 -3.77 20.60
N ASP B 104 -29.89 -2.62 20.39
CA ASP B 104 -30.41 -2.20 19.08
C ASP B 104 -29.36 -1.34 18.39
N THR B 105 -28.58 -1.95 17.48
CA THR B 105 -27.48 -1.24 16.80
C THR B 105 -27.89 -0.38 15.64
N ALA B 106 -29.19 -0.36 15.30
CA ALA B 106 -29.69 0.53 14.25
C ALA B 106 -30.21 1.88 14.77
N ASN B 107 -30.38 2.03 16.06
CA ASN B 107 -30.89 3.29 16.60
C ASN B 107 -29.99 3.70 17.74
N LEU B 108 -28.72 3.89 17.38
CA LEU B 108 -27.74 4.53 18.27
C LEU B 108 -28.06 5.97 18.36
N GLU B 109 -27.71 6.55 19.51
CA GLU B 109 -27.82 8.02 19.74
C GLU B 109 -26.45 8.60 19.92
N TYR B 110 -26.35 9.89 19.63
CA TYR B 110 -25.05 10.59 19.65
C TYR B 110 -25.23 11.91 20.41
N ALA B 111 -24.31 12.23 21.29
CA ALA B 111 -24.38 13.45 22.12
C ALA B 111 -22.99 14.02 22.24
N MET B 112 -22.81 15.28 21.87
CA MET B 112 -21.60 16.01 22.09
C MET B 112 -21.53 16.52 23.51
N PHE B 113 -20.49 16.20 24.26
CA PHE B 113 -20.32 16.69 25.64
C PHE B 113 -19.45 17.91 25.78
N ALA B 114 -18.56 18.12 24.79
CA ALA B 114 -17.66 19.28 24.85
C ALA B 114 -17.02 19.46 23.48
N SER B 115 -16.62 20.72 23.20
CA SER B 115 -15.80 20.97 22.05
C SER B 115 -14.94 22.19 22.30
N THR B 116 -13.74 22.17 21.73
CA THR B 116 -12.81 23.33 21.87
C THR B 116 -12.02 23.51 20.57
N THR B 117 -11.54 24.74 20.36
CA THR B 117 -10.71 25.07 19.20
C THR B 117 -9.29 24.77 19.59
N LEU B 118 -8.57 24.00 18.79
CA LEU B 118 -7.17 23.70 19.06
C LEU B 118 -6.29 24.46 18.07
N ASN B 119 -5.14 24.90 18.54
CA ASN B 119 -4.11 25.45 17.67
C ASN B 119 -3.15 24.38 17.20
N LYS B 120 -2.80 24.40 15.92
CA LYS B 120 -1.87 23.46 15.39
C LYS B 120 -0.69 23.20 16.36
N GLY B 121 -0.41 21.96 16.68
CA GLY B 121 0.72 21.58 17.53
C GLY B 121 0.58 21.63 19.05
N GLN B 122 -0.44 22.27 19.59
CA GLN B 122 -0.58 22.36 21.04
C GLN B 122 -1.68 21.44 21.62
N TRP B 123 -1.40 20.83 22.78
CA TRP B 123 -2.40 19.99 23.43
C TRP B 123 -3.43 20.85 24.16
N LYS B 124 -4.66 20.36 24.17
CA LYS B 124 -5.72 21.03 24.92
C LYS B 124 -6.66 20.02 25.55
N LYS B 125 -7.26 20.39 26.68
CA LYS B 125 -8.12 19.50 27.44
C LYS B 125 -9.57 19.67 27.04
N ILE B 126 -10.27 18.57 26.82
CA ILE B 126 -11.67 18.56 26.44
C ILE B 126 -12.39 17.75 27.49
N GLU B 127 -13.43 18.33 28.09
CA GLU B 127 -13.97 17.72 29.31
C GLU B 127 -15.39 18.21 29.64
N ALA B 128 -16.08 17.39 30.42
CA ALA B 128 -17.44 17.70 30.81
C ALA B 128 -17.87 16.67 31.87
N ASP B 129 -18.83 17.06 32.70
CA ASP B 129 -19.67 16.08 33.40
C ASP B 129 -20.63 15.43 32.41
N ILE B 130 -20.79 14.11 32.50
CA ILE B 130 -21.85 13.40 31.78
C ILE B 130 -22.73 12.52 32.71
N ILE B 131 -23.87 12.16 32.18
CA ILE B 131 -24.81 11.32 32.93
C ILE B 131 -24.75 9.91 32.35
N VAL B 132 -24.64 8.90 33.25
CA VAL B 132 -24.73 7.54 32.83
C VAL B 132 -26.20 7.08 33.04
N PRO B 133 -26.92 6.70 31.96
CA PRO B 133 -28.35 6.38 32.15
C PRO B 133 -28.60 5.17 33.05
N ALA B 134 -29.82 5.13 33.65
CA ALA B 134 -30.14 4.09 34.63
C ALA B 134 -30.31 2.71 33.99
N GLU B 135 -30.16 1.68 34.83
CA GLU B 135 -30.45 0.30 34.38
C GLU B 135 -31.77 0.15 33.65
N SER B 136 -32.85 0.76 34.22
CA SER B 136 -34.21 0.65 33.65
C SER B 136 -34.38 1.26 32.24
N THR B 137 -33.41 2.03 31.75
CA THR B 137 -33.47 2.49 30.35
C THR B 137 -33.13 1.33 29.36
N GLY B 138 -32.55 0.24 29.89
CA GLY B 138 -32.02 -0.80 28.99
C GLY B 138 -30.67 -0.48 28.32
N ILE B 139 -30.05 0.65 28.72
CA ILE B 139 -28.72 1.08 28.22
C ILE B 139 -27.78 -0.10 28.15
N SER B 140 -27.18 -0.36 26.97
CA SER B 140 -26.33 -1.53 26.74
C SER B 140 -24.93 -1.18 26.18
N GLY B 141 -24.74 0.07 25.75
CA GLY B 141 -23.43 0.59 25.43
C GLY B 141 -23.38 2.10 25.62
N LEU B 142 -22.24 2.58 26.05
CA LEU B 142 -22.00 4.01 26.23
C LEU B 142 -20.51 4.20 25.93
N ARG B 143 -20.23 4.83 24.82
CA ARG B 143 -18.85 4.90 24.27
C ARG B 143 -18.44 6.34 24.10
N MET B 144 -17.25 6.66 24.56
CA MET B 144 -16.76 8.04 24.36
C MET B 144 -15.95 8.09 23.10
N TYR B 145 -16.01 9.16 22.36
CA TYR B 145 -15.25 9.27 21.15
C TYR B 145 -14.95 10.77 20.82
N ALA B 146 -13.98 10.98 19.92
CA ALA B 146 -13.61 12.31 19.45
C ALA B 146 -13.74 12.38 17.91
N GLU B 147 -14.15 13.54 17.46
CA GLU B 147 -14.46 13.73 16.02
C GLU B 147 -14.29 15.21 15.73
N THR B 148 -14.31 15.55 14.46
CA THR B 148 -14.43 16.96 14.07
C THR B 148 -15.89 17.28 13.82
N PRO B 149 -16.25 18.62 13.77
CA PRO B 149 -17.67 19.03 13.64
C PRO B 149 -18.32 18.42 12.42
N TRP B 150 -19.50 17.82 12.61
CA TRP B 150 -20.21 17.08 11.59
C TRP B 150 -20.46 17.86 10.29
N LYS B 151 -20.25 17.19 9.18
CA LYS B 151 -20.64 17.63 7.83
C LYS B 151 -20.97 16.40 6.97
N GLN B 152 -21.89 16.56 6.01
CA GLN B 152 -22.29 15.44 5.18
C GLN B 152 -21.14 15.08 4.25
N SER B 153 -21.10 13.81 3.82
CA SER B 153 -19.96 13.34 3.02
C SER B 153 -19.62 14.28 1.88
N SER B 154 -20.65 14.73 1.15
CA SER B 154 -20.47 15.56 -0.07
C SER B 154 -19.89 16.96 0.23
N GLU B 155 -19.97 17.42 1.48
CA GLU B 155 -19.34 18.70 1.89
C GLU B 155 -17.99 18.56 2.68
N VAL B 156 -17.45 17.34 2.79
CA VAL B 156 -16.20 17.10 3.57
C VAL B 156 -14.98 17.63 2.77
N THR B 157 -14.08 18.34 3.46
CA THR B 157 -12.87 18.82 2.84
C THR B 157 -11.65 18.22 3.57
N GLU B 158 -10.47 18.54 3.06
CA GLU B 158 -9.24 18.03 3.62
C GLU B 158 -8.95 18.47 5.04
N THR B 159 -9.41 19.66 5.43
CA THR B 159 -9.21 20.16 6.79
C THR B 159 -10.08 19.43 7.80
N ASP B 160 -11.23 18.99 7.36
CA ASP B 160 -12.19 18.29 8.24
C ASP B 160 -11.64 16.90 8.60
N THR B 161 -10.78 16.32 7.78
CA THR B 161 -10.30 14.95 7.96
C THR B 161 -8.81 14.85 8.45
N ILE B 162 -8.31 15.90 9.11
CA ILE B 162 -6.98 15.92 9.73
C ILE B 162 -6.70 14.70 10.64
N PRO B 163 -5.51 14.12 10.58
CA PRO B 163 -5.23 13.15 11.61
C PRO B 163 -5.06 13.92 12.95
N PHE B 164 -5.35 13.28 14.06
CA PHE B 164 -5.13 13.88 15.41
C PHE B 164 -4.91 12.82 16.43
N TYR B 165 -4.36 13.28 17.57
CA TYR B 165 -3.92 12.52 18.67
C TYR B 165 -4.83 12.78 19.87
N VAL B 166 -5.05 11.75 20.68
CA VAL B 166 -5.64 11.87 22.03
C VAL B 166 -4.75 11.20 23.04
N ASP B 167 -4.81 11.67 24.25
CA ASP B 167 -4.03 11.16 25.37
C ASP B 167 -4.68 11.49 26.71
N ASP B 168 -4.30 10.78 27.76
CA ASP B 168 -4.70 11.10 29.11
C ASP B 168 -6.22 11.15 29.23
N VAL B 169 -6.85 10.10 28.71
CA VAL B 169 -8.31 9.95 28.82
C VAL B 169 -8.60 9.50 30.22
N GLN B 170 -9.45 10.21 30.93
CA GLN B 170 -9.75 9.94 32.33
C GLN B 170 -11.24 10.06 32.59
N ILE B 171 -11.79 9.20 33.45
CA ILE B 171 -13.14 9.36 33.95
C ILE B 171 -13.09 9.32 35.48
N THR B 172 -13.68 10.30 36.15
CA THR B 172 -13.65 10.34 37.60
C THR B 172 -15.03 10.55 38.20
N ALA B 173 -15.15 10.13 39.43
CA ALA B 173 -16.38 10.35 40.20
C ALA B 173 -16.60 11.80 40.46
N THR B 174 -17.88 12.17 40.67
CA THR B 174 -18.23 13.54 41.06
C THR B 174 -18.74 13.65 42.51
N ALA C 14 10.06 -25.48 2.52
CA ALA C 14 10.78 -26.12 1.34
C ALA C 14 10.06 -27.37 0.78
N LEU C 15 9.04 -27.17 -0.06
CA LEU C 15 8.26 -28.29 -0.59
C LEU C 15 8.86 -28.81 -1.88
N PHE C 16 9.49 -27.90 -2.64
CA PHE C 16 10.09 -28.20 -3.89
C PHE C 16 11.25 -27.20 -4.01
N LYS C 17 12.35 -27.63 -4.59
CA LYS C 17 13.49 -26.73 -4.83
C LYS C 17 14.22 -27.23 -6.05
N ALA C 18 14.50 -26.32 -6.99
CA ALA C 18 15.45 -26.58 -8.09
C ALA C 18 16.51 -25.47 -8.12
N ASP C 19 17.75 -25.85 -7.83
CA ASP C 19 18.88 -24.93 -7.95
C ASP C 19 19.90 -25.36 -9.05
N PHE C 20 19.68 -26.52 -9.65
CA PHE C 20 20.45 -26.93 -10.82
C PHE C 20 21.97 -27.13 -10.59
N GLU C 21 22.35 -27.33 -9.32
CA GLU C 21 23.76 -27.42 -8.95
C GLU C 21 24.29 -28.84 -9.21
N ASP C 22 23.39 -29.79 -9.27
CA ASP C 22 23.76 -31.15 -9.62
C ASP C 22 23.95 -31.36 -11.15
N GLY C 23 23.68 -30.33 -11.93
CA GLY C 23 23.75 -30.34 -13.40
C GLY C 23 22.57 -30.99 -14.11
N ASN C 24 21.53 -31.38 -13.34
CA ASN C 24 20.48 -32.23 -13.84
C ASN C 24 19.27 -31.43 -14.32
N ILE C 25 18.79 -31.74 -15.50
CA ILE C 25 17.53 -31.17 -16.05
C ILE C 25 16.33 -31.65 -15.26
N GLY C 26 16.44 -32.84 -14.67
CA GLY C 26 15.29 -33.44 -13.96
C GLY C 26 14.07 -33.57 -14.89
N ASN C 27 12.91 -33.18 -14.37
CA ASN C 27 11.65 -33.21 -15.16
C ASN C 27 11.30 -31.90 -15.90
N TRP C 28 12.21 -30.93 -15.90
CA TRP C 28 11.97 -29.69 -16.68
C TRP C 28 11.88 -29.99 -18.13
N ARG C 29 10.85 -29.43 -18.77
CA ARG C 29 10.64 -29.66 -20.25
C ARG C 29 10.24 -28.41 -20.98
N ALA C 30 10.43 -28.40 -22.27
CA ALA C 30 9.92 -27.32 -23.19
C ALA C 30 8.43 -27.43 -23.38
N ARG C 31 7.81 -26.35 -23.86
CA ARG C 31 6.37 -26.36 -24.11
C ARG C 31 6.05 -26.52 -25.59
N GLY C 32 7.03 -26.19 -26.44
CA GLY C 32 6.88 -26.32 -27.94
C GLY C 32 8.20 -26.73 -28.52
N THR C 33 8.69 -25.93 -29.45
CA THR C 33 9.84 -26.30 -30.29
C THR C 33 11.13 -25.64 -29.78
N GLU C 34 11.14 -25.18 -28.50
CA GLU C 34 12.33 -24.56 -27.89
C GLU C 34 13.28 -25.52 -27.21
N LYS C 35 14.46 -25.00 -26.81
CA LYS C 35 15.58 -25.76 -26.20
C LYS C 35 15.88 -25.45 -24.74
N LEU C 36 15.82 -26.45 -23.87
CA LEU C 36 16.22 -26.31 -22.49
C LEU C 36 17.59 -26.94 -22.28
N GLU C 37 18.45 -26.27 -21.54
CA GLU C 37 19.80 -26.76 -21.21
C GLU C 37 20.22 -26.24 -19.84
N VAL C 38 20.71 -27.13 -18.99
CA VAL C 38 21.37 -26.70 -17.77
C VAL C 38 22.77 -26.26 -18.11
N VAL C 39 23.06 -24.99 -17.85
CA VAL C 39 24.38 -24.44 -18.18
C VAL C 39 25.18 -24.24 -16.92
N SER C 40 26.51 -24.16 -17.08
CA SER C 40 27.38 -23.77 -15.99
C SER C 40 28.09 -22.48 -16.33
N GLY C 41 28.51 -21.75 -15.32
CA GLY C 41 29.14 -20.43 -15.54
C GLY C 41 28.17 -19.28 -15.45
N ILE C 42 26.87 -19.62 -15.30
CA ILE C 42 25.78 -18.62 -15.18
C ILE C 42 24.80 -19.16 -14.17
N GLY C 43 24.52 -18.38 -13.13
CA GLY C 43 23.54 -18.70 -12.12
C GLY C 43 23.30 -17.61 -11.08
N HIS C 44 22.28 -17.81 -10.24
CA HIS C 44 21.90 -16.85 -9.19
C HIS C 44 22.69 -17.18 -7.93
N ASN C 45 23.67 -16.33 -7.60
CA ASN C 45 24.56 -16.64 -6.47
C ASN C 45 25.02 -18.11 -6.48
N SER C 46 25.39 -18.59 -7.66
CA SER C 46 25.79 -19.97 -7.87
C SER C 46 26.25 -20.13 -9.33
N ASN C 47 26.80 -21.31 -9.67
CA ASN C 47 27.46 -21.52 -10.92
C ASN C 47 26.60 -22.21 -12.00
N ARG C 48 25.38 -22.61 -11.64
CA ARG C 48 24.50 -23.36 -12.59
C ARG C 48 23.05 -22.90 -12.58
N SER C 49 22.43 -22.99 -13.76
CA SER C 49 21.06 -22.53 -13.99
C SER C 49 20.49 -23.10 -15.26
N LEU C 50 19.17 -22.98 -15.44
CA LEU C 50 18.47 -23.53 -16.60
C LEU C 50 18.22 -22.47 -17.68
N LYS C 51 18.83 -22.67 -18.83
CA LYS C 51 18.67 -21.78 -19.94
C LYS C 51 17.64 -22.27 -20.91
N THR C 52 16.77 -21.36 -21.37
CA THR C 52 15.85 -21.63 -22.48
C THR C 52 16.21 -20.81 -23.67
N SER C 53 16.43 -21.46 -24.83
CA SER C 53 16.79 -20.73 -26.04
C SER C 53 16.01 -21.33 -27.22
N SER C 54 16.30 -20.85 -28.44
CA SER C 54 15.57 -21.26 -29.60
C SER C 54 14.06 -20.94 -29.45
N ARG C 55 13.75 -19.89 -28.68
CA ARG C 55 12.36 -19.48 -28.54
C ARG C 55 11.92 -18.80 -29.85
N SER C 56 10.72 -19.12 -30.31
CA SER C 56 10.13 -18.52 -31.48
C SER C 56 8.68 -18.09 -31.26
N GLU C 57 8.13 -18.39 -30.08
CA GLU C 57 6.82 -17.94 -29.66
C GLU C 57 6.93 -17.49 -28.20
N THR C 58 5.99 -16.65 -27.80
CA THR C 58 6.05 -16.01 -26.50
C THR C 58 5.81 -17.02 -25.38
N TYR C 59 5.08 -18.08 -25.74
CA TYR C 59 4.70 -19.10 -24.76
C TYR C 59 5.74 -20.19 -24.56
N HIS C 60 6.76 -20.22 -25.40
CA HIS C 60 7.93 -21.04 -25.18
C HIS C 60 8.64 -20.62 -23.92
N GLY C 61 9.00 -21.59 -23.10
CA GLY C 61 9.71 -21.33 -21.83
C GLY C 61 9.77 -22.62 -21.00
N PRO C 62 10.57 -22.62 -19.94
CA PRO C 62 10.78 -23.84 -19.11
C PRO C 62 9.59 -24.18 -18.20
N LEU C 63 9.20 -25.49 -18.16
CA LEU C 63 8.02 -25.91 -17.42
C LEU C 63 8.36 -27.15 -16.56
N VAL C 64 7.75 -27.24 -15.39
CA VAL C 64 7.90 -28.44 -14.55
C VAL C 64 6.60 -28.76 -13.81
N GLU C 65 6.26 -30.06 -13.76
CA GLU C 65 5.16 -30.52 -12.96
C GLU C 65 5.45 -30.40 -11.48
N VAL C 66 4.52 -29.84 -10.71
CA VAL C 66 4.72 -29.71 -9.26
C VAL C 66 3.58 -30.28 -8.40
N LEU C 67 2.50 -30.79 -9.03
CA LEU C 67 1.36 -31.26 -8.22
C LEU C 67 1.70 -32.35 -7.23
N PRO C 68 2.58 -33.30 -7.65
CA PRO C 68 2.96 -34.37 -6.68
C PRO C 68 3.58 -33.87 -5.39
N TYR C 69 4.22 -32.73 -5.44
CA TYR C 69 4.88 -32.12 -4.28
C TYR C 69 3.95 -31.48 -3.21
N LEU C 70 2.72 -31.27 -3.59
CA LEU C 70 1.78 -30.41 -2.89
C LEU C 70 0.52 -31.13 -2.41
N GLN C 71 -0.09 -30.59 -1.34
CA GLN C 71 -1.45 -31.02 -0.94
C GLN C 71 -2.55 -30.30 -1.71
N LYS C 72 -3.41 -31.09 -2.36
CA LYS C 72 -4.58 -30.51 -3.06
C LYS C 72 -5.41 -29.79 -2.01
N GLY C 73 -5.93 -28.61 -2.40
CA GLY C 73 -6.70 -27.76 -1.51
C GLY C 73 -5.93 -26.69 -0.78
N SER C 74 -4.59 -26.71 -0.86
CA SER C 74 -3.77 -25.86 -0.01
C SER C 74 -3.46 -24.56 -0.70
N THR C 75 -2.98 -23.58 0.07
CA THR C 75 -2.34 -22.38 -0.51
C THR C 75 -0.81 -22.46 -0.27
N VAL C 76 -0.02 -22.28 -1.32
CA VAL C 76 1.42 -22.35 -1.20
C VAL C 76 2.04 -21.11 -1.84
N HIS C 77 3.28 -20.86 -1.51
CA HIS C 77 4.02 -19.70 -2.08
C HIS C 77 5.08 -20.16 -3.08
N ILE C 78 5.00 -19.68 -4.33
CA ILE C 78 5.94 -20.08 -5.37
C ILE C 78 6.83 -18.93 -5.72
N SER C 79 8.14 -19.21 -5.88
CA SER C 79 9.06 -18.18 -6.36
C SER C 79 10.11 -18.76 -7.23
N PHE C 80 10.69 -17.93 -8.11
CA PHE C 80 11.86 -18.27 -8.87
C PHE C 80 12.65 -16.97 -9.22
N TRP C 81 13.92 -17.18 -9.58
CA TRP C 81 14.73 -16.05 -10.02
C TRP C 81 14.87 -16.20 -11.52
N ALA C 82 14.78 -15.09 -12.21
CA ALA C 82 14.96 -15.02 -13.66
C ALA C 82 15.99 -13.96 -14.04
N MET C 83 16.61 -14.13 -15.20
CA MET C 83 17.60 -13.19 -15.75
C MET C 83 17.71 -13.41 -17.26
N TYR C 84 17.92 -12.32 -17.99
CA TYR C 84 18.30 -12.39 -19.41
C TYR C 84 19.44 -11.44 -19.56
N ASP C 85 20.34 -11.71 -20.48
CA ASP C 85 21.56 -10.89 -20.62
C ASP C 85 21.85 -10.41 -22.04
N GLU C 86 20.85 -10.37 -22.91
CA GLU C 86 21.05 -9.92 -24.28
C GLU C 86 19.86 -9.15 -24.82
N GLY C 87 20.11 -8.24 -25.75
CA GLY C 87 19.02 -7.55 -26.43
C GLY C 87 18.58 -6.26 -25.75
N PRO C 88 17.29 -6.18 -25.39
CA PRO C 88 16.71 -4.91 -24.92
C PRO C 88 17.13 -4.56 -23.50
N ALA C 89 17.07 -3.27 -23.14
CA ALA C 89 17.54 -2.82 -21.82
C ALA C 89 16.66 -3.41 -20.67
N THR C 90 15.38 -3.52 -20.93
CA THR C 90 14.36 -4.11 -20.03
C THR C 90 13.40 -5.06 -20.83
N GLN C 91 12.90 -6.07 -20.16
CA GLN C 91 11.91 -6.97 -20.77
C GLN C 91 11.12 -7.69 -19.64
N VAL C 92 9.86 -7.96 -19.94
CA VAL C 92 8.95 -8.60 -19.02
C VAL C 92 9.05 -10.10 -19.12
N ILE C 93 9.05 -10.78 -17.96
CA ILE C 93 8.93 -12.24 -17.89
C ILE C 93 7.80 -12.57 -16.92
N ASN C 94 6.98 -13.56 -17.29
CA ASN C 94 5.80 -13.94 -16.48
C ASN C 94 6.00 -15.33 -15.91
N GLY C 95 5.40 -15.52 -14.76
CA GLY C 95 5.24 -16.83 -14.15
C GLY C 95 3.82 -17.29 -14.31
N SER C 96 3.62 -18.49 -14.81
CA SER C 96 2.29 -19.01 -15.17
C SER C 96 2.11 -20.47 -14.62
N LEU C 97 0.88 -20.86 -14.48
CA LEU C 97 0.49 -22.26 -14.19
C LEU C 97 -0.20 -22.91 -15.36
N GLU C 98 0.17 -24.14 -15.65
CA GLU C 98 -0.56 -24.96 -16.63
C GLU C 98 -1.28 -26.05 -15.84
N LYS C 99 -2.60 -26.13 -16.01
CA LYS C 99 -3.40 -27.08 -15.26
C LYS C 99 -4.10 -28.12 -16.11
N GLU C 100 -4.11 -29.34 -15.64
CA GLU C 100 -4.76 -30.49 -16.29
C GLU C 100 -5.79 -31.14 -15.36
N PHE C 101 -6.97 -31.49 -15.88
CA PHE C 101 -8.02 -32.04 -15.07
C PHE C 101 -8.48 -33.37 -15.67
N ASN C 102 -8.71 -34.38 -14.82
CA ASN C 102 -9.16 -35.70 -15.33
C ASN C 102 -8.29 -36.35 -16.39
N ARG C 103 -7.00 -36.07 -16.35
CA ARG C 103 -6.01 -36.60 -17.32
C ARG C 103 -6.36 -36.31 -18.75
N ASP C 104 -7.05 -35.20 -18.98
CA ASP C 104 -7.39 -34.78 -20.37
C ASP C 104 -6.37 -33.82 -20.91
N THR C 105 -5.41 -34.35 -21.68
CA THR C 105 -4.32 -33.54 -22.23
C THR C 105 -4.73 -32.66 -23.41
N ALA C 106 -5.97 -32.83 -23.88
CA ALA C 106 -6.49 -32.00 -24.97
C ALA C 106 -7.03 -30.64 -24.53
N ASN C 107 -7.39 -30.46 -23.22
CA ASN C 107 -8.10 -29.30 -22.72
C ASN C 107 -7.40 -28.71 -21.49
N LEU C 108 -6.15 -28.29 -21.68
CA LEU C 108 -5.43 -27.57 -20.60
C LEU C 108 -5.99 -26.18 -20.32
N GLU C 109 -5.80 -25.70 -19.08
CA GLU C 109 -6.01 -24.28 -18.74
C GLU C 109 -4.66 -23.65 -18.47
N TYR C 110 -4.60 -22.32 -18.66
CA TYR C 110 -3.42 -21.51 -18.31
C TYR C 110 -3.79 -20.27 -17.49
N ALA C 111 -2.98 -19.92 -16.50
CA ALA C 111 -3.21 -18.71 -15.75
C ALA C 111 -1.86 -18.13 -15.34
N MET C 112 -1.69 -16.83 -15.56
CA MET C 112 -0.53 -16.11 -15.05
C MET C 112 -0.65 -15.97 -13.57
N PHE C 113 0.42 -16.23 -12.78
CA PHE C 113 0.45 -15.90 -11.35
C PHE C 113 1.26 -14.67 -10.98
N ALA C 114 2.19 -14.27 -11.85
CA ALA C 114 3.03 -13.12 -11.60
C ALA C 114 3.72 -12.58 -12.87
N SER C 115 4.03 -11.29 -12.86
CA SER C 115 4.63 -10.58 -13.98
C SER C 115 5.50 -9.44 -13.51
N THR C 116 6.69 -9.28 -14.10
CA THR C 116 7.55 -8.13 -13.73
C THR C 116 8.44 -7.76 -14.84
N THR C 117 8.94 -6.52 -14.78
CA THR C 117 9.95 -6.02 -15.72
C THR C 117 11.33 -6.23 -15.16
N LEU C 118 12.20 -6.86 -15.95
CA LEU C 118 13.57 -7.13 -15.54
C LEU C 118 14.51 -6.19 -16.27
N ASN C 119 15.60 -5.82 -15.59
CA ASN C 119 16.72 -5.09 -16.20
C ASN C 119 17.70 -6.09 -16.82
N LYS C 120 18.16 -5.82 -18.04
CA LYS C 120 19.17 -6.67 -18.69
C LYS C 120 20.31 -7.00 -17.68
N GLY C 121 20.61 -8.29 -17.52
CA GLY C 121 21.78 -8.71 -16.74
C GLY C 121 21.60 -8.93 -15.26
N GLN C 122 20.47 -8.48 -14.67
CA GLN C 122 20.26 -8.63 -13.23
C GLN C 122 19.19 -9.69 -12.89
N TRP C 123 19.54 -10.57 -11.97
CA TRP C 123 18.65 -11.55 -11.44
C TRP C 123 17.51 -10.82 -10.69
N LYS C 124 16.27 -11.30 -10.86
CA LYS C 124 15.12 -10.78 -10.07
C LYS C 124 14.15 -11.90 -9.65
N LYS C 125 13.53 -11.72 -8.50
CA LYS C 125 12.66 -12.74 -7.94
C LYS C 125 11.23 -12.54 -8.41
N ILE C 126 10.66 -13.60 -8.96
CA ILE C 126 9.24 -13.59 -9.39
C ILE C 126 8.48 -14.54 -8.44
N GLU C 127 7.39 -14.07 -7.84
CA GLU C 127 6.69 -14.86 -6.83
C GLU C 127 5.23 -14.55 -6.66
N ALA C 128 4.48 -15.46 -6.00
CA ALA C 128 3.10 -15.25 -5.73
C ALA C 128 2.63 -16.39 -4.76
N ASP C 129 1.58 -16.11 -4.02
CA ASP C 129 0.80 -17.19 -3.43
C ASP C 129 -0.02 -17.83 -4.58
N ILE C 130 -0.09 -19.15 -4.57
CA ILE C 130 -1.03 -19.87 -5.46
C ILE C 130 -1.91 -20.86 -4.73
N ILE C 131 -3.04 -21.20 -5.40
CA ILE C 131 -4.00 -22.10 -4.83
C ILE C 131 -3.80 -23.43 -5.54
N VAL C 132 -3.68 -24.53 -4.76
CA VAL C 132 -3.73 -25.87 -5.37
C VAL C 132 -5.17 -26.42 -5.36
N PRO C 133 -5.71 -26.64 -6.57
CA PRO C 133 -7.15 -27.06 -6.49
C PRO C 133 -7.39 -28.40 -5.78
N ALA C 134 -8.58 -28.52 -5.25
CA ALA C 134 -8.90 -29.68 -4.36
C ALA C 134 -9.06 -31.00 -5.16
N GLU C 135 -9.02 -32.12 -4.43
CA GLU C 135 -9.14 -33.42 -5.02
C GLU C 135 -10.35 -33.51 -5.93
N SER C 136 -11.48 -33.02 -5.44
CA SER C 136 -12.77 -33.26 -6.15
C SER C 136 -12.95 -32.44 -7.43
N THR C 137 -12.05 -31.51 -7.69
CA THR C 137 -11.97 -30.94 -9.05
C THR C 137 -11.46 -31.89 -10.10
N GLY C 138 -10.87 -33.02 -9.69
CA GLY C 138 -10.19 -33.93 -10.63
C GLY C 138 -8.83 -33.44 -11.23
N ILE C 139 -8.24 -32.43 -10.61
CA ILE C 139 -6.92 -31.96 -10.99
C ILE C 139 -5.92 -33.15 -11.06
N SER C 140 -5.15 -33.22 -12.17
CA SER C 140 -4.21 -34.24 -12.48
C SER C 140 -2.80 -33.71 -12.96
N GLY C 141 -2.67 -32.40 -13.09
CA GLY C 141 -1.38 -31.80 -13.33
C GLY C 141 -1.43 -30.31 -12.99
N LEU C 142 -0.42 -29.82 -12.33
CA LEU C 142 -0.27 -28.40 -12.09
C LEU C 142 1.20 -28.08 -12.28
N ARG C 143 1.50 -27.39 -13.39
CA ARG C 143 2.91 -27.18 -13.77
C ARG C 143 3.20 -25.71 -13.71
N MET C 144 4.34 -25.35 -13.14
CA MET C 144 4.82 -23.94 -13.19
C MET C 144 5.66 -23.74 -14.43
N TYR C 145 5.49 -22.59 -15.07
CA TYR C 145 6.34 -22.21 -16.19
C TYR C 145 6.64 -20.70 -16.26
N ALA C 146 7.68 -20.36 -17.02
CA ALA C 146 8.05 -18.96 -17.23
C ALA C 146 7.85 -18.68 -18.72
N GLU C 147 7.39 -17.46 -19.05
CA GLU C 147 7.18 -17.06 -20.44
C GLU C 147 7.26 -15.54 -20.56
N THR C 148 7.21 -15.04 -21.78
CA THR C 148 7.05 -13.62 -22.07
C THR C 148 5.60 -13.28 -22.42
N PRO C 149 5.20 -12.01 -22.33
CA PRO C 149 3.79 -11.62 -22.57
C PRO C 149 3.25 -12.17 -23.90
N TRP C 150 2.06 -12.75 -23.84
CA TRP C 150 1.46 -13.41 -25.00
C TRP C 150 1.17 -12.52 -26.21
N LYS C 151 1.52 -13.03 -27.37
CA LYS C 151 1.22 -12.41 -28.66
C LYS C 151 0.93 -13.53 -29.63
N GLN C 152 0.08 -13.23 -30.62
CA GLN C 152 -0.15 -14.17 -31.76
C GLN C 152 1.14 -14.29 -32.57
N SER C 153 1.31 -15.47 -33.19
CA SER C 153 2.56 -15.85 -33.85
C SER C 153 3.07 -14.86 -34.90
N SER C 154 2.14 -14.30 -35.67
CA SER C 154 2.47 -13.36 -36.73
C SER C 154 2.93 -11.95 -36.21
N GLU C 155 2.72 -11.64 -34.92
CA GLU C 155 3.18 -10.40 -34.32
C GLU C 155 4.47 -10.55 -33.46
N VAL C 156 5.02 -11.74 -33.41
CA VAL C 156 6.23 -11.97 -32.59
C VAL C 156 7.45 -11.19 -33.11
N THR C 157 8.22 -10.62 -32.20
CA THR C 157 9.43 -9.86 -32.53
C THR C 157 10.63 -10.54 -31.89
N GLU C 158 11.81 -10.03 -32.17
CA GLU C 158 13.06 -10.55 -31.58
C GLU C 158 13.21 -10.26 -30.09
N THR C 159 12.57 -9.21 -29.58
CA THR C 159 12.65 -8.93 -28.16
C THR C 159 11.75 -9.91 -27.40
N ASP C 160 10.68 -10.38 -28.05
CA ASP C 160 9.71 -11.30 -27.41
C ASP C 160 10.29 -12.67 -27.19
N THR C 161 11.31 -13.00 -27.99
CA THR C 161 11.82 -14.38 -28.09
C THR C 161 13.23 -14.50 -27.54
N ILE C 162 13.65 -13.54 -26.73
CA ILE C 162 14.92 -13.62 -25.99
C ILE C 162 15.13 -14.93 -25.24
N PRO C 163 16.35 -15.49 -25.27
CA PRO C 163 16.64 -16.58 -24.33
C PRO C 163 16.65 -16.04 -22.92
N PHE C 164 16.43 -16.90 -21.93
CA PHE C 164 16.58 -16.48 -20.55
C PHE C 164 16.83 -17.64 -19.61
N TYR C 165 17.33 -17.30 -18.43
CA TYR C 165 17.72 -18.24 -17.41
C TYR C 165 16.72 -18.19 -16.28
N VAL C 166 16.48 -19.34 -15.66
CA VAL C 166 15.78 -19.39 -14.36
C VAL C 166 16.66 -20.19 -13.38
N ASP C 167 16.48 -19.92 -12.10
CA ASP C 167 17.26 -20.56 -11.05
C ASP C 167 16.53 -20.41 -9.71
N ASP C 168 16.98 -21.16 -8.72
CA ASP C 168 16.50 -21.06 -7.30
C ASP C 168 14.96 -21.09 -7.26
N VAL C 169 14.41 -22.07 -7.94
CA VAL C 169 12.97 -22.23 -8.02
C VAL C 169 12.55 -22.87 -6.71
N GLN C 170 11.56 -22.29 -6.04
CA GLN C 170 11.19 -22.74 -4.73
C GLN C 170 9.67 -22.67 -4.54
N ILE C 171 9.15 -23.61 -3.73
CA ILE C 171 7.78 -23.56 -3.28
C ILE C 171 7.79 -23.82 -1.80
N THR C 172 7.08 -22.99 -1.07
CA THR C 172 7.02 -23.12 0.42
C THR C 172 5.63 -23.17 0.88
N ALA C 173 5.46 -23.76 2.06
CA ALA C 173 4.16 -23.77 2.75
C ALA C 173 3.77 -22.39 3.25
N THR C 174 2.44 -22.16 3.39
CA THR C 174 1.95 -20.91 4.04
C THR C 174 1.34 -21.27 5.41
#